data_4D6K
#
_entry.id   4D6K
#
_cell.length_a   54.910
_cell.length_b   103.051
_cell.length_c   108.931
_cell.angle_alpha   90.00
_cell.angle_beta   90.00
_cell.angle_gamma   90.00
#
_symmetry.space_group_name_H-M   'P 21 21 21'
#
loop_
_entity.id
_entity.type
_entity.pdbx_description
1 polymer 'DEOXYNUCLEOTIDYLTRANSFERASE TERMINAL-INTERACTING PROTEIN 1'
2 water water
#
_entity_poly.entity_id   1
_entity_poly.type   'polypeptide(L)'
_entity_poly.pdbx_seq_one_letter_code
;MTTSFTDPAISMDLLRAVLQPSINEEIQTVFNKYMKFFQKAALNVRDNVGEEVDAEQLIQEACRSCLEQAKLLFSDGEKV
IPRLTHELPGIK
;
_entity_poly.pdbx_strand_id   A,B,C,D,E,F
#
# COMPACT_ATOMS: atom_id res chain seq x y z
N ASP A 7 35.58 32.20 14.70
CA ASP A 7 34.19 32.03 15.20
C ASP A 7 33.94 30.51 15.34
N PRO A 8 33.64 30.03 16.58
CA PRO A 8 33.34 28.59 16.82
C PRO A 8 32.23 27.99 15.94
N ALA A 9 31.25 28.79 15.54
CA ALA A 9 30.16 28.29 14.68
C ALA A 9 30.62 27.82 13.25
N ILE A 10 31.85 28.13 12.88
CA ILE A 10 32.47 27.49 11.71
C ILE A 10 32.54 25.98 11.86
N SER A 11 32.44 25.45 13.08
CA SER A 11 32.30 23.99 13.25
C SER A 11 31.08 23.46 12.49
N MET A 12 30.02 24.27 12.31
CA MET A 12 28.88 23.84 11.50
C MET A 12 29.26 23.63 10.01
N ASP A 13 30.02 24.54 9.46
CA ASP A 13 30.49 24.47 8.11
C ASP A 13 31.39 23.27 7.86
N LEU A 14 32.25 22.98 8.81
CA LEU A 14 33.11 21.88 8.63
C LEU A 14 32.39 20.57 8.67
N LEU A 15 31.43 20.44 9.60
CA LEU A 15 30.60 19.27 9.61
C LEU A 15 29.83 19.12 8.30
N ARG A 16 29.27 20.23 7.87
CA ARG A 16 28.53 20.26 6.62
CA ARG A 16 28.54 20.26 6.61
C ARG A 16 29.39 19.68 5.46
N ALA A 17 30.62 20.19 5.33
CA ALA A 17 31.56 19.73 4.29
C ALA A 17 31.86 18.25 4.40
N VAL A 18 31.92 17.74 5.62
CA VAL A 18 32.14 16.34 5.83
C VAL A 18 30.94 15.46 5.40
N LEU A 19 29.74 15.97 5.62
CA LEU A 19 28.53 15.22 5.32
C LEU A 19 28.09 15.34 3.89
N GLN A 20 28.50 16.43 3.24
CA GLN A 20 28.07 16.72 1.91
C GLN A 20 28.17 15.57 0.89
N PRO A 21 29.29 14.83 0.90
CA PRO A 21 29.39 13.79 -0.14
C PRO A 21 28.32 12.75 0.03
N SER A 22 28.04 12.35 1.29
CA SER A 22 27.01 11.36 1.54
CA SER A 22 26.97 11.36 1.54
C SER A 22 25.60 11.91 1.17
N ILE A 23 25.35 13.18 1.57
CA ILE A 23 24.09 13.80 1.29
C ILE A 23 23.88 13.94 -0.24
N ASN A 24 24.91 14.37 -0.98
CA ASN A 24 24.88 14.45 -2.38
C ASN A 24 24.54 13.10 -3.08
N GLU A 25 25.09 12.00 -2.61
CA GLU A 25 24.75 10.70 -3.20
C GLU A 25 23.25 10.41 -3.02
N GLU A 26 22.69 10.71 -1.85
CA GLU A 26 21.26 10.40 -1.63
C GLU A 26 20.37 11.36 -2.42
N ILE A 27 20.82 12.61 -2.55
CA ILE A 27 20.04 13.57 -3.36
C ILE A 27 20.02 13.11 -4.81
N GLN A 28 21.15 12.67 -5.31
CA GLN A 28 21.20 12.15 -6.69
C GLN A 28 20.20 11.02 -6.90
N THR A 29 20.15 10.10 -5.93
CA THR A 29 19.23 8.98 -6.00
C THR A 29 17.79 9.42 -6.04
N VAL A 30 17.46 10.44 -5.23
CA VAL A 30 16.13 11.02 -5.31
C VAL A 30 15.83 11.58 -6.71
N PHE A 31 16.71 12.44 -7.24
CA PHE A 31 16.47 13.08 -8.51
C PHE A 31 16.42 12.11 -9.71
N ASN A 32 17.18 11.02 -9.65
CA ASN A 32 17.11 9.99 -10.70
C ASN A 32 15.71 9.48 -10.93
N LYS A 33 14.91 9.37 -9.90
CA LYS A 33 13.53 8.94 -10.07
C LYS A 33 12.62 9.92 -10.83
N TYR A 34 12.97 11.21 -10.85
CA TYR A 34 12.17 12.25 -11.51
C TYR A 34 12.75 12.73 -12.81
N MET A 35 13.95 12.26 -13.15
CA MET A 35 14.67 12.85 -14.25
C MET A 35 13.96 12.68 -15.58
N LYS A 36 13.31 11.55 -15.74
CA LYS A 36 12.59 11.29 -16.99
C LYS A 36 11.48 12.34 -17.27
N PHE A 37 10.86 12.88 -16.21
CA PHE A 37 9.88 13.94 -16.40
C PHE A 37 10.57 15.17 -16.89
N PHE A 38 11.70 15.55 -16.28
CA PHE A 38 12.35 16.78 -16.71
C PHE A 38 12.89 16.63 -18.15
N GLN A 39 13.41 15.45 -18.48
CA GLN A 39 14.00 15.22 -19.83
C GLN A 39 12.94 15.32 -20.91
N LYS A 40 11.83 14.63 -20.70
CA LYS A 40 10.72 14.74 -21.63
C LYS A 40 10.20 16.16 -21.82
N ALA A 41 10.05 16.90 -20.73
CA ALA A 41 9.56 18.27 -20.83
C ALA A 41 10.54 19.16 -21.57
N ALA A 42 11.83 18.99 -21.30
CA ALA A 42 12.83 19.81 -21.95
C ALA A 42 12.94 19.52 -23.47
N LEU A 43 12.85 18.24 -23.85
CA LEU A 43 12.77 17.86 -25.27
C LEU A 43 11.52 18.42 -25.96
N ASN A 44 10.38 18.34 -25.30
CA ASN A 44 9.15 19.00 -25.76
C ASN A 44 9.33 20.50 -26.01
N VAL A 45 9.99 21.21 -25.12
CA VAL A 45 10.25 22.62 -25.35
C VAL A 45 11.17 22.80 -26.57
N ARG A 46 12.23 22.03 -26.68
CA ARG A 46 13.16 22.18 -27.80
C ARG A 46 12.49 21.89 -29.14
N ASP A 47 11.67 20.83 -29.17
CA ASP A 47 10.92 20.49 -30.36
C ASP A 47 9.94 21.57 -30.79
N ASN A 48 9.39 22.33 -29.85
CA ASN A 48 8.37 23.34 -30.15
C ASN A 48 8.87 24.76 -30.25
N VAL A 49 10.06 25.01 -29.71
CA VAL A 49 10.83 26.18 -29.99
C VAL A 49 11.89 25.41 -30.83
N GLY A 50 13.07 25.97 -31.06
CA GLY A 50 14.02 25.46 -32.01
C GLY A 50 15.32 24.94 -31.44
N GLU A 51 16.30 24.88 -32.34
CA GLU A 51 17.62 24.32 -32.09
C GLU A 51 18.37 25.10 -31.00
N GLU A 52 18.14 26.41 -30.94
CA GLU A 52 18.77 27.30 -29.95
C GLU A 52 18.32 27.08 -28.49
N VAL A 53 17.45 26.10 -28.23
CA VAL A 53 17.11 25.69 -26.87
C VAL A 53 18.08 24.59 -26.50
N ASP A 54 18.80 24.80 -25.41
CA ASP A 54 19.67 23.77 -24.86
C ASP A 54 18.88 22.94 -23.81
N ALA A 55 18.46 21.74 -24.18
CA ALA A 55 17.60 20.91 -23.33
C ALA A 55 18.29 20.52 -22.01
N GLU A 56 19.59 20.24 -22.08
CA GLU A 56 20.36 19.85 -20.92
C GLU A 56 20.38 20.97 -19.88
N GLN A 57 20.60 22.19 -20.36
CA GLN A 57 20.57 23.34 -19.52
C GLN A 57 19.18 23.58 -18.89
N LEU A 58 18.11 23.31 -19.60
CA LEU A 58 16.78 23.46 -19.03
C LEU A 58 16.58 22.46 -17.88
N ILE A 59 17.04 21.23 -18.05
CA ILE A 59 16.94 20.23 -17.06
C ILE A 59 17.71 20.62 -15.81
N GLN A 60 18.94 21.09 -16.00
CA GLN A 60 19.79 21.48 -14.88
C GLN A 60 19.26 22.65 -14.07
N GLU A 61 18.78 23.66 -14.76
CA GLU A 61 18.20 24.81 -14.12
C GLU A 61 16.93 24.40 -13.34
N ALA A 62 16.16 23.44 -13.85
CA ALA A 62 14.94 23.05 -13.14
C ALA A 62 15.32 22.26 -11.88
N CYS A 63 16.33 21.44 -11.98
CA CYS A 63 16.84 20.71 -10.81
C CYS A 63 17.42 21.63 -9.71
N ARG A 64 18.24 22.61 -10.10
CA ARG A 64 18.72 23.59 -9.16
C ARG A 64 17.56 24.33 -8.51
N SER A 65 16.55 24.71 -9.29
CA SER A 65 15.37 25.40 -8.70
C SER A 65 14.71 24.52 -7.69
N CYS A 66 14.66 23.20 -7.95
N CYS A 66 14.66 23.22 -7.97
CA CYS A 66 14.04 22.28 -7.00
CA CYS A 66 14.06 22.32 -7.06
C CYS A 66 14.78 22.33 -5.67
C CYS A 66 14.79 22.32 -5.69
N LEU A 67 16.10 22.35 -5.72
CA LEU A 67 16.88 22.42 -4.52
C LEU A 67 16.71 23.75 -3.80
N GLU A 68 16.63 24.83 -4.57
CA GLU A 68 16.34 26.15 -3.99
C GLU A 68 15.02 26.12 -3.23
N GLN A 69 13.97 25.62 -3.86
CA GLN A 69 12.67 25.60 -3.20
C GLN A 69 12.64 24.66 -2.00
N ALA A 70 13.42 23.58 -2.08
CA ALA A 70 13.52 22.66 -0.92
C ALA A 70 14.11 23.32 0.34
N LYS A 71 14.76 24.48 0.20
CA LYS A 71 15.22 25.20 1.38
C LYS A 71 14.08 25.64 2.29
N LEU A 72 12.85 25.74 1.75
CA LEU A 72 11.68 26.06 2.61
C LEU A 72 11.40 24.98 3.63
N LEU A 73 11.92 23.75 3.46
CA LEU A 73 11.81 22.76 4.49
C LEU A 73 12.50 23.19 5.78
N PHE A 74 13.48 24.08 5.68
CA PHE A 74 14.35 24.43 6.80
C PHE A 74 14.38 25.94 6.98
N SER A 75 13.21 26.55 6.91
CA SER A 75 13.06 28.00 7.07
C SER A 75 11.97 28.18 8.16
N ASP A 76 11.85 29.35 8.76
CA ASP A 76 11.17 29.45 10.07
C ASP A 76 9.66 29.20 10.07
N GLU A 87 1.28 23.97 4.50
CA GLU A 87 2.33 24.94 4.65
C GLU A 87 3.40 24.68 3.57
N LEU A 88 4.33 23.77 3.85
CA LEU A 88 5.36 23.36 2.87
C LEU A 88 4.82 22.40 1.84
N PRO A 89 5.09 22.63 0.53
CA PRO A 89 4.71 21.55 -0.44
C PRO A 89 5.36 20.20 0.01
N GLY A 90 4.53 19.19 0.29
CA GLY A 90 5.02 17.83 0.62
C GLY A 90 3.95 16.76 0.35
N ILE A 91 4.37 15.51 0.39
CA ILE A 91 3.51 14.37 0.14
C ILE A 91 2.73 14.04 1.45
N LYS A 92 3.34 14.50 2.54
CA LYS A 92 3.33 14.04 3.93
C LYS A 92 3.51 12.57 4.21
N ASP B 7 8.10 31.14 -22.96
CA ASP B 7 9.47 31.12 -22.37
C ASP B 7 9.72 29.69 -21.89
N PRO B 8 10.75 29.02 -22.41
CA PRO B 8 11.04 27.65 -22.03
C PRO B 8 11.25 27.42 -20.54
N ALA B 9 11.79 28.42 -19.84
CA ALA B 9 12.04 28.28 -18.40
C ALA B 9 10.73 28.17 -17.53
N ILE B 10 9.59 28.57 -18.10
CA ILE B 10 8.33 28.75 -17.44
C ILE B 10 7.61 27.43 -17.49
N SER B 11 7.57 26.84 -18.68
CA SER B 11 7.04 25.49 -18.76
C SER B 11 7.81 24.51 -17.86
N MET B 12 9.13 24.61 -17.86
CA MET B 12 9.94 23.75 -16.99
C MET B 12 9.57 24.05 -15.53
N ASP B 13 9.40 25.33 -15.20
CA ASP B 13 9.09 25.68 -13.86
C ASP B 13 7.72 25.14 -13.40
N LEU B 14 6.73 25.10 -14.29
CA LEU B 14 5.40 24.54 -13.97
C LEU B 14 5.53 23.03 -13.61
N LEU B 15 6.37 22.32 -14.36
CA LEU B 15 6.64 20.88 -14.03
C LEU B 15 7.36 20.75 -12.70
N ARG B 16 8.36 21.59 -12.51
CA ARG B 16 9.10 21.65 -11.27
C ARG B 16 8.15 21.81 -10.03
N ALA B 17 7.25 22.77 -10.13
CA ALA B 17 6.24 23.01 -9.06
C ALA B 17 5.38 21.77 -8.82
N VAL B 18 5.02 21.10 -9.90
CA VAL B 18 4.20 19.87 -9.77
C VAL B 18 4.96 18.77 -8.99
N LEU B 19 6.26 18.66 -9.26
CA LEU B 19 7.04 17.58 -8.65
C LEU B 19 7.56 17.95 -7.25
N GLN B 20 7.61 19.25 -6.96
CA GLN B 20 8.19 19.70 -5.70
C GLN B 20 7.71 18.99 -4.42
N PRO B 21 6.39 18.74 -4.28
CA PRO B 21 5.97 18.15 -3.05
C PRO B 21 6.57 16.77 -2.86
N SER B 22 6.63 15.98 -3.91
CA SER B 22 7.22 14.62 -3.80
C SER B 22 8.70 14.72 -3.56
N ILE B 23 9.37 15.60 -4.28
CA ILE B 23 10.81 15.76 -4.11
C ILE B 23 11.12 16.25 -2.70
N ASN B 24 10.39 17.25 -2.19
CA ASN B 24 10.53 17.67 -0.80
C ASN B 24 10.43 16.49 0.22
N GLU B 25 9.44 15.64 0.07
CA GLU B 25 9.24 14.55 0.98
C GLU B 25 10.46 13.64 1.00
N GLU B 26 11.02 13.36 -0.15
CA GLU B 26 12.20 12.50 -0.20
C GLU B 26 13.43 13.20 0.33
N ILE B 27 13.52 14.52 0.11
CA ILE B 27 14.63 15.28 0.66
C ILE B 27 14.57 15.32 2.17
N GLN B 28 13.38 15.51 2.72
CA GLN B 28 13.20 15.49 4.16
C GLN B 28 13.66 14.15 4.73
N THR B 29 13.26 13.07 4.11
CA THR B 29 13.67 11.71 4.54
C THR B 29 15.19 11.55 4.50
N VAL B 30 15.84 12.08 3.46
CA VAL B 30 17.29 12.11 3.44
C VAL B 30 17.86 12.87 4.65
N PHE B 31 17.43 14.10 4.84
CA PHE B 31 17.98 14.93 5.91
C PHE B 31 17.72 14.41 7.30
N ASN B 32 16.60 13.72 7.50
CA ASN B 32 16.29 13.14 8.82
C ASN B 32 17.39 12.21 9.26
N LYS B 33 18.03 11.54 8.33
CA LYS B 33 19.14 10.67 8.69
C LYS B 33 20.34 11.40 9.21
N TYR B 34 20.49 12.68 8.88
CA TYR B 34 21.70 13.41 9.24
C TYR B 34 21.45 14.43 10.33
N MET B 35 20.18 14.60 10.71
CA MET B 35 19.83 15.72 11.54
C MET B 35 20.52 15.67 12.91
N LYS B 36 20.69 14.47 13.43
CA LYS B 36 21.27 14.27 14.73
C LYS B 36 22.69 14.83 14.75
N PHE B 37 23.42 14.68 13.65
CA PHE B 37 24.79 15.23 13.61
C PHE B 37 24.74 16.74 13.68
N PHE B 38 23.83 17.39 12.92
CA PHE B 38 23.76 18.82 12.96
C PHE B 38 23.32 19.29 14.33
N GLN B 39 22.37 18.57 14.93
CA GLN B 39 21.85 18.97 16.27
C GLN B 39 22.96 18.94 17.32
N LYS B 40 23.69 17.86 17.36
CA LYS B 40 24.83 17.72 18.31
C LYS B 40 25.86 18.81 18.14
N ALA B 41 26.23 19.06 16.91
CA ALA B 41 27.24 20.09 16.65
C ALA B 41 26.72 21.48 17.06
N ALA B 42 25.46 21.77 16.75
CA ALA B 42 24.90 23.09 17.11
C ALA B 42 24.75 23.28 18.66
N LEU B 43 24.33 22.23 19.34
CA LEU B 43 24.33 22.23 20.82
C LEU B 43 25.75 22.39 21.39
N ASN B 44 26.73 21.70 20.81
CA ASN B 44 28.11 21.93 21.18
C ASN B 44 28.53 23.38 21.09
N VAL B 45 28.17 24.04 20.00
CA VAL B 45 28.52 25.41 19.87
C VAL B 45 27.83 26.22 21.00
N ARG B 46 26.54 25.99 21.23
CA ARG B 46 25.83 26.75 22.23
C ARG B 46 26.38 26.51 23.65
N ASP B 47 26.70 25.28 23.94
CA ASP B 47 27.28 24.87 25.20
C ASP B 47 28.60 25.54 25.47
N ASN B 48 29.37 25.85 24.43
CA ASN B 48 30.68 26.45 24.61
C ASN B 48 30.57 27.97 24.61
N VAL B 49 29.76 28.52 23.71
CA VAL B 49 29.71 29.97 23.52
C VAL B 49 28.74 30.64 24.41
N GLY B 50 27.56 30.06 24.62
CA GLY B 50 26.54 30.73 25.45
C GLY B 50 25.15 30.85 24.90
N GLU B 51 24.31 31.50 25.69
CA GLU B 51 22.86 31.59 25.50
C GLU B 51 22.49 32.28 24.20
N GLU B 52 23.27 33.29 23.82
CA GLU B 52 23.04 34.08 22.61
C GLU B 52 23.30 33.34 21.28
N VAL B 53 23.64 32.05 21.34
CA VAL B 53 23.69 31.22 20.15
C VAL B 53 22.32 30.53 20.02
N ASP B 54 21.70 30.68 18.87
CA ASP B 54 20.46 30.02 18.58
C ASP B 54 20.81 28.72 17.83
N ALA B 55 20.72 27.59 18.53
CA ALA B 55 21.07 26.31 17.97
C ALA B 55 20.19 25.89 16.79
N GLU B 56 18.89 26.18 16.90
CA GLU B 56 17.94 25.81 15.87
C GLU B 56 18.27 26.53 14.58
N GLN B 57 18.59 27.80 14.69
CA GLN B 57 19.00 28.56 13.55
C GLN B 57 20.32 28.06 12.93
N LEU B 58 21.27 27.60 13.73
CA LEU B 58 22.50 27.06 13.17
C LEU B 58 22.17 25.80 12.37
N ILE B 59 21.25 25.00 12.87
CA ILE B 59 20.90 23.75 12.20
C ILE B 59 20.24 24.03 10.85
N GLN B 60 19.30 24.97 10.86
CA GLN B 60 18.59 25.34 9.63
C GLN B 60 19.48 25.93 8.58
N GLU B 61 20.36 26.84 8.97
CA GLU B 61 21.35 27.42 8.04
C GLU B 61 22.23 26.32 7.44
N ALA B 62 22.66 25.35 8.25
CA ALA B 62 23.56 24.34 7.74
C ALA B 62 22.78 23.46 6.70
N CYS B 63 21.54 23.10 7.02
CA CYS B 63 20.70 22.36 6.08
C CYS B 63 20.46 23.10 4.74
N ARG B 64 20.15 24.39 4.83
CA ARG B 64 19.97 25.19 3.61
C ARG B 64 21.28 25.26 2.83
N SER B 65 22.42 25.36 3.52
CA SER B 65 23.74 25.34 2.81
C SER B 65 23.97 24.05 2.10
N CYS B 66 23.64 22.92 2.73
CA CYS B 66 23.79 21.64 2.06
C CYS B 66 23.04 21.61 0.76
N LEU B 67 21.78 22.08 0.77
CA LEU B 67 21.01 22.16 -0.45
C LEU B 67 21.64 23.09 -1.49
N GLU B 68 22.16 24.22 -1.05
CA GLU B 68 22.85 25.16 -1.96
C GLU B 68 24.04 24.44 -2.64
N GLN B 69 24.83 23.71 -1.84
CA GLN B 69 26.01 23.10 -2.38
C GLN B 69 25.69 21.91 -3.24
N ALA B 70 24.57 21.25 -2.93
CA ALA B 70 24.08 20.18 -3.81
C ALA B 70 23.70 20.63 -5.20
N LYS B 71 23.46 21.93 -5.39
CA LYS B 71 23.26 22.40 -6.77
C LYS B 71 24.45 22.12 -7.72
N LEU B 72 25.64 21.88 -7.18
CA LEU B 72 26.83 21.56 -8.02
C LEU B 72 26.69 20.20 -8.64
N LEU B 73 25.76 19.39 -8.18
CA LEU B 73 25.38 18.20 -8.95
C LEU B 73 24.78 18.52 -10.30
N PHE B 74 24.25 19.72 -10.47
CA PHE B 74 23.54 20.09 -11.71
C PHE B 74 24.10 21.34 -12.32
N SER B 75 25.44 21.41 -12.41
CA SER B 75 26.15 22.57 -13.04
C SER B 75 26.34 22.43 -14.54
N ALA C 9 2.99 7.43 -22.38
CA ALA C 9 4.21 8.26 -22.59
C ALA C 9 4.87 8.80 -21.25
N ILE C 10 4.22 8.63 -20.08
CA ILE C 10 4.60 9.23 -18.68
C ILE C 10 3.39 10.06 -18.18
N SER C 11 2.45 10.35 -19.06
CA SER C 11 1.41 11.27 -18.77
C SER C 11 0.50 10.86 -17.63
N MET C 12 0.18 9.59 -17.51
CA MET C 12 -0.58 9.12 -16.34
C MET C 12 0.21 9.22 -15.02
N ASP C 13 1.50 8.88 -15.05
CA ASP C 13 2.36 9.07 -13.84
C ASP C 13 2.47 10.53 -13.41
N LEU C 14 2.56 11.42 -14.38
CA LEU C 14 2.63 12.81 -14.04
C LEU C 14 1.34 13.26 -13.44
N LEU C 15 0.21 12.85 -14.00
CA LEU C 15 -1.09 13.26 -13.43
C LEU C 15 -1.20 12.80 -11.98
N ARG C 16 -0.76 11.56 -11.77
CA ARG C 16 -0.73 10.96 -10.46
CA ARG C 16 -0.73 10.96 -10.45
C ARG C 16 0.05 11.87 -9.48
N ALA C 17 1.26 12.27 -9.88
CA ALA C 17 2.10 13.18 -9.08
C ALA C 17 1.46 14.55 -8.83
N VAL C 18 0.71 15.05 -9.81
CA VAL C 18 -0.03 16.26 -9.64
C VAL C 18 -1.12 16.14 -8.58
N LEU C 19 -1.77 14.98 -8.53
CA LEU C 19 -2.89 14.81 -7.61
C LEU C 19 -2.50 14.25 -6.22
N GLN C 20 -1.37 13.56 -6.15
CA GLN C 20 -1.00 12.80 -4.96
C GLN C 20 -1.05 13.56 -3.65
N PRO C 21 -0.50 14.81 -3.61
CA PRO C 21 -0.56 15.52 -2.32
C PRO C 21 -1.97 15.76 -1.85
N SER C 22 -2.86 16.14 -2.75
CA SER C 22 -4.25 16.41 -2.38
CA SER C 22 -4.25 16.40 -2.35
C SER C 22 -4.95 15.11 -1.96
N ILE C 23 -4.72 14.05 -2.71
CA ILE C 23 -5.34 12.75 -2.39
C ILE C 23 -4.83 12.27 -1.04
N ASN C 24 -3.50 12.34 -0.83
CA ASN C 24 -2.92 11.97 0.46
C ASN C 24 -3.60 12.65 1.61
N GLU C 25 -3.87 13.95 1.50
CA GLU C 25 -4.49 14.68 2.60
C GLU C 25 -5.88 14.10 2.89
N GLU C 26 -6.64 13.82 1.87
CA GLU C 26 -7.95 13.27 2.08
C GLU C 26 -7.90 11.83 2.67
N ILE C 27 -6.96 11.03 2.21
CA ILE C 27 -6.80 9.69 2.75
C ILE C 27 -6.40 9.76 4.24
N GLN C 28 -5.52 10.68 4.60
CA GLN C 28 -5.18 10.91 5.99
C GLN C 28 -6.44 11.23 6.82
N THR C 29 -7.26 12.13 6.31
CA THR C 29 -8.48 12.48 6.98
C THR C 29 -9.39 11.25 7.16
N VAL C 30 -9.51 10.41 6.14
CA VAL C 30 -10.28 9.16 6.28
C VAL C 30 -9.70 8.29 7.41
N PHE C 31 -8.40 8.03 7.37
CA PHE C 31 -7.77 7.15 8.37
C PHE C 31 -7.83 7.71 9.81
N ASN C 32 -7.80 9.05 9.98
CA ASN C 32 -7.89 9.65 11.29
C ASN C 32 -9.15 9.22 11.97
N LYS C 33 -10.22 8.98 11.24
CA LYS C 33 -11.45 8.52 11.86
C LYS C 33 -11.37 7.13 12.42
N TYR C 34 -10.48 6.30 11.91
CA TYR C 34 -10.40 4.89 12.32
C TYR C 34 -9.21 4.60 13.20
N MET C 35 -8.35 5.62 13.38
CA MET C 35 -7.08 5.39 14.03
C MET C 35 -7.24 4.91 15.48
N LYS C 36 -8.24 5.43 16.17
CA LYS C 36 -8.51 5.03 17.53
C LYS C 36 -8.78 3.52 17.66
N PHE C 37 -9.40 2.91 16.64
CA PHE C 37 -9.61 1.45 16.65
C PHE C 37 -8.26 0.76 16.58
N PHE C 38 -7.41 1.20 15.65
CA PHE C 38 -6.14 0.55 15.49
C PHE C 38 -5.24 0.73 16.72
N GLN C 39 -5.27 1.92 17.30
CA GLN C 39 -4.45 2.22 18.47
C GLN C 39 -4.86 1.34 19.64
N LYS C 40 -6.15 1.29 19.93
CA LYS C 40 -6.66 0.45 21.03
C LYS C 40 -6.24 -1.01 20.85
N ALA C 41 -6.40 -1.50 19.64
CA ALA C 41 -6.08 -2.94 19.37
C ALA C 41 -4.58 -3.19 19.53
N ALA C 42 -3.75 -2.27 19.06
CA ALA C 42 -2.32 -2.45 19.16
C ALA C 42 -1.80 -2.40 20.61
N LEU C 43 -2.33 -1.47 21.41
CA LEU C 43 -2.05 -1.42 22.85
C LEU C 43 -2.51 -2.69 23.57
N ASN C 44 -3.71 -3.17 23.25
CA ASN C 44 -4.12 -4.49 23.70
C ASN C 44 -3.13 -5.60 23.42
N VAL C 45 -2.60 -5.64 22.20
CA VAL C 45 -1.67 -6.66 21.87
C VAL C 45 -0.42 -6.50 22.73
N ARG C 46 0.08 -5.28 22.84
CA ARG C 46 1.30 -5.08 23.58
C ARG C 46 1.14 -5.41 25.08
N ASP C 47 0.01 -5.02 25.63
CA ASP C 47 -0.31 -5.33 27.03
C ASP C 47 -0.38 -6.85 27.30
N ASN C 48 -0.77 -7.65 26.31
CA ASN C 48 -0.96 -9.09 26.47
C ASN C 48 0.13 -9.96 25.94
N VAL C 49 1.03 -9.38 25.14
CA VAL C 49 2.25 -10.06 24.73
C VAL C 49 3.53 -9.57 25.36
N GLY C 50 3.69 -8.28 25.54
CA GLY C 50 4.95 -7.79 26.16
C GLY C 50 5.66 -6.66 25.44
N GLU C 51 6.77 -6.27 26.03
CA GLU C 51 7.47 -5.03 25.71
C GLU C 51 8.04 -5.05 24.30
N GLU C 52 8.44 -6.23 23.86
CA GLU C 52 9.00 -6.44 22.53
C GLU C 52 7.98 -6.25 21.38
N VAL C 53 6.74 -5.90 21.67
CA VAL C 53 5.76 -5.57 20.64
C VAL C 53 5.86 -4.09 20.46
N ASP C 54 6.11 -3.65 19.23
CA ASP C 54 6.11 -2.19 18.91
C ASP C 54 4.68 -1.82 18.39
N ALA C 55 3.89 -1.17 19.24
CA ALA C 55 2.51 -0.85 18.94
C ALA C 55 2.37 0.07 17.71
N GLU C 56 3.30 1.02 17.60
CA GLU C 56 3.25 2.00 16.51
C GLU C 56 3.46 1.28 15.18
N GLN C 57 4.37 0.32 15.18
CA GLN C 57 4.63 -0.47 13.99
C GLN C 57 3.45 -1.38 13.61
N LEU C 58 2.73 -1.91 14.61
CA LEU C 58 1.52 -2.68 14.32
C LEU C 58 0.48 -1.81 13.63
N ILE C 59 0.34 -0.59 14.09
CA ILE C 59 -0.65 0.31 13.56
C ILE C 59 -0.32 0.64 12.11
N GLN C 60 0.94 1.01 11.86
CA GLN C 60 1.36 1.39 10.53
C GLN C 60 1.24 0.29 9.50
N GLU C 61 1.64 -0.93 9.89
CA GLU C 61 1.46 -2.09 9.03
C GLU C 61 0.00 -2.33 8.69
N ALA C 62 -0.88 -2.18 9.68
CA ALA C 62 -2.27 -2.48 9.43
C ALA C 62 -2.82 -1.42 8.44
N CYS C 63 -2.45 -0.16 8.65
CA CYS C 63 -2.91 0.91 7.75
C CYS C 63 -2.41 0.70 6.30
N ARG C 64 -1.14 0.33 6.13
CA ARG C 64 -0.62 0.05 4.79
C ARG C 64 -1.34 -1.12 4.15
N SER C 65 -1.62 -2.14 4.94
CA SER C 65 -2.41 -3.28 4.43
C SER C 65 -3.84 -2.88 4.02
N CYS C 66 -4.45 -1.94 4.75
N CYS C 66 -4.42 -1.95 4.76
CA CYS C 66 -5.77 -1.42 4.34
CA CYS C 66 -5.72 -1.44 4.38
C CYS C 66 -5.70 -0.78 2.97
C CYS C 66 -5.69 -0.77 2.99
N LEU C 67 -4.65 -0.01 2.72
CA LEU C 67 -4.48 0.65 1.42
C LEU C 67 -4.25 -0.40 0.32
N GLU C 68 -3.44 -1.41 0.62
CA GLU C 68 -3.22 -2.51 -0.35
C GLU C 68 -4.56 -3.15 -0.74
N GLN C 69 -5.40 -3.44 0.26
CA GLN C 69 -6.66 -4.12 -0.04
C GLN C 69 -7.64 -3.21 -0.76
N ALA C 70 -7.56 -1.91 -0.47
CA ALA C 70 -8.38 -0.95 -1.17
C ALA C 70 -8.10 -0.86 -2.68
N LYS C 71 -6.97 -1.36 -3.12
CA LYS C 71 -6.74 -1.44 -4.55
C LYS C 71 -7.78 -2.28 -5.26
N LEU C 72 -8.48 -3.17 -4.55
CA LEU C 72 -9.52 -4.02 -5.20
C LEU C 72 -10.67 -3.17 -5.68
N LEU C 73 -10.81 -1.94 -5.19
CA LEU C 73 -11.76 -1.04 -5.76
C LEU C 73 -11.50 -0.74 -7.26
N PHE C 74 -10.26 -0.90 -7.69
CA PHE C 74 -9.84 -0.48 -9.00
C PHE C 74 -9.16 -1.66 -9.72
N SER C 75 -9.78 -2.82 -9.67
CA SER C 75 -9.23 -4.02 -10.30
C SER C 75 -10.29 -4.83 -11.01
N SER D 4 1.45 -19.12 13.03
CA SER D 4 1.25 -19.36 14.49
C SER D 4 0.07 -18.53 15.01
N PHE D 5 -0.78 -19.17 15.79
CA PHE D 5 -1.84 -18.47 16.50
C PHE D 5 -1.32 -17.43 17.52
N THR D 6 0.00 -17.36 17.82
CA THR D 6 0.54 -16.35 18.74
C THR D 6 1.04 -15.10 18.04
N ASP D 7 1.21 -15.15 16.72
CA ASP D 7 1.52 -13.96 15.91
C ASP D 7 0.79 -12.67 16.40
N PRO D 8 1.54 -11.64 16.82
CA PRO D 8 0.95 -10.37 17.29
C PRO D 8 0.01 -9.67 16.30
N ALA D 9 0.28 -9.82 15.01
CA ALA D 9 -0.53 -9.17 13.98
C ALA D 9 -1.95 -9.73 13.87
N ILE D 10 -2.21 -10.90 14.45
CA ILE D 10 -3.47 -11.54 14.13
C ILE D 10 -4.65 -10.64 14.43
N SER D 11 -4.68 -10.11 15.64
CA SER D 11 -5.80 -9.29 16.05
C SER D 11 -5.79 -8.02 15.22
N MET D 12 -4.64 -7.54 14.78
CA MET D 12 -4.61 -6.37 13.88
C MET D 12 -5.23 -6.69 12.51
N ASP D 13 -4.91 -7.85 11.97
CA ASP D 13 -5.50 -8.31 10.69
C ASP D 13 -7.00 -8.49 10.76
N LEU D 14 -7.48 -9.05 11.87
CA LEU D 14 -8.93 -9.24 12.04
C LEU D 14 -9.64 -7.93 12.10
N LEU D 15 -9.06 -6.99 12.84
CA LEU D 15 -9.65 -5.64 12.92
C LEU D 15 -9.69 -4.97 11.55
N ARG D 16 -8.61 -5.14 10.83
CA ARG D 16 -8.51 -4.63 9.47
CA ARG D 16 -8.50 -4.62 9.47
C ARG D 16 -9.64 -5.18 8.59
N ALA D 17 -9.83 -6.51 8.61
CA ALA D 17 -10.93 -7.16 7.83
C ALA D 17 -12.32 -6.68 8.22
N VAL D 18 -12.50 -6.42 9.51
CA VAL D 18 -13.76 -5.82 9.97
C VAL D 18 -13.98 -4.38 9.47
N LEU D 19 -12.91 -3.60 9.41
CA LEU D 19 -13.03 -2.19 9.02
C LEU D 19 -12.98 -1.95 7.55
N GLN D 20 -12.41 -2.90 6.80
CA GLN D 20 -12.17 -2.71 5.38
C GLN D 20 -13.33 -2.23 4.54
N PRO D 21 -14.53 -2.79 4.74
CA PRO D 21 -15.64 -2.29 3.96
C PRO D 21 -15.93 -0.83 4.17
N SER D 22 -15.91 -0.37 5.42
CA SER D 22 -16.19 1.03 5.68
CA SER D 22 -16.18 1.03 5.70
C SER D 22 -15.07 1.90 5.16
N ILE D 23 -13.82 1.47 5.35
CA ILE D 23 -12.67 2.24 4.82
C ILE D 23 -12.70 2.32 3.27
N ASN D 24 -12.97 1.20 2.61
CA ASN D 24 -13.22 1.21 1.18
C ASN D 24 -14.28 2.20 0.71
N GLU D 25 -15.42 2.27 1.42
CA GLU D 25 -16.44 3.20 1.03
C GLU D 25 -15.93 4.63 1.09
N GLU D 26 -15.18 4.97 2.12
CA GLU D 26 -14.69 6.33 2.25
C GLU D 26 -13.59 6.63 1.24
N ILE D 27 -12.78 5.65 0.93
CA ILE D 27 -11.76 5.83 -0.10
C ILE D 27 -12.45 6.02 -1.49
N GLN D 28 -13.49 5.25 -1.76
CA GLN D 28 -14.25 5.43 -3.02
C GLN D 28 -14.78 6.82 -3.14
N THR D 29 -15.34 7.34 -2.04
CA THR D 29 -15.86 8.67 -2.04
C THR D 29 -14.74 9.68 -2.35
N VAL D 30 -13.57 9.48 -1.75
CA VAL D 30 -12.42 10.37 -2.06
C VAL D 30 -12.07 10.32 -3.55
N PHE D 31 -11.86 9.12 -4.09
CA PHE D 31 -11.49 8.96 -5.48
C PHE D 31 -12.55 9.45 -6.50
N ASN D 32 -13.84 9.37 -6.17
CA ASN D 32 -14.90 9.89 -7.04
C ASN D 32 -14.71 11.37 -7.32
N LYS D 33 -14.21 12.14 -6.38
CA LYS D 33 -13.91 13.52 -6.63
C LYS D 33 -12.80 13.78 -7.63
N TYR D 34 -11.88 12.85 -7.81
CA TYR D 34 -10.73 13.02 -8.70
C TYR D 34 -10.84 12.24 -10.01
N MET D 35 -11.86 11.40 -10.13
CA MET D 35 -11.97 10.47 -11.27
C MET D 35 -12.03 11.17 -12.63
N LYS D 36 -12.68 12.32 -12.66
CA LYS D 36 -12.74 13.10 -13.88
C LYS D 36 -11.34 13.50 -14.39
N PHE D 37 -10.38 13.76 -13.48
CA PHE D 37 -9.04 14.12 -13.92
C PHE D 37 -8.40 12.91 -14.58
N PHE D 38 -8.51 11.75 -13.94
CA PHE D 38 -7.91 10.56 -14.50
C PHE D 38 -8.56 10.18 -15.84
N GLN D 39 -9.85 10.32 -15.92
CA GLN D 39 -10.58 10.00 -17.15
C GLN D 39 -10.14 10.89 -18.32
N LYS D 40 -10.14 12.19 -18.10
CA LYS D 40 -9.74 13.14 -19.15
C LYS D 40 -8.32 12.90 -19.60
N ALA D 41 -7.43 12.63 -18.67
CA ALA D 41 -6.04 12.37 -19.06
C ALA D 41 -5.94 11.10 -19.85
N ALA D 42 -6.67 10.07 -19.44
CA ALA D 42 -6.57 8.76 -20.14
C ALA D 42 -7.14 8.87 -21.59
N LEU D 43 -8.24 9.61 -21.75
CA LEU D 43 -8.79 9.89 -23.08
C LEU D 43 -7.84 10.72 -23.96
N ASN D 44 -7.21 11.74 -23.38
CA ASN D 44 -6.13 12.47 -24.01
C ASN D 44 -4.98 11.55 -24.49
N VAL D 45 -4.59 10.57 -23.69
CA VAL D 45 -3.56 9.65 -24.14
C VAL D 45 -4.07 8.80 -25.30
N ARG D 46 -5.27 8.26 -25.18
CA ARG D 46 -5.81 7.39 -26.24
C ARG D 46 -5.98 8.13 -27.56
N ASP D 47 -6.47 9.36 -27.48
CA ASP D 47 -6.62 10.20 -28.65
C ASP D 47 -5.28 10.48 -29.35
N ASN D 48 -4.19 10.57 -28.60
CA ASN D 48 -2.90 11.02 -29.14
C ASN D 48 -1.91 9.95 -29.42
N VAL D 49 -2.07 8.78 -28.84
CA VAL D 49 -1.20 7.68 -29.28
C VAL D 49 -1.82 7.07 -30.51
N GLY D 50 -1.00 6.56 -31.43
CA GLY D 50 -1.45 5.92 -32.64
C GLY D 50 -1.81 4.47 -32.36
N GLU D 51 -1.09 3.92 -31.38
CA GLU D 51 -1.35 2.60 -30.76
C GLU D 51 -2.68 2.36 -30.01
N GLU D 52 -2.92 1.07 -29.81
CA GLU D 52 -4.06 0.53 -29.08
C GLU D 52 -4.11 0.68 -27.52
N VAL D 53 -4.66 1.80 -27.08
CA VAL D 53 -4.69 2.20 -25.66
C VAL D 53 -6.04 1.90 -25.02
N ASP D 54 -6.04 1.16 -23.92
CA ASP D 54 -7.26 0.90 -23.15
C ASP D 54 -7.38 1.95 -22.02
N ALA D 55 -8.26 2.94 -22.22
CA ALA D 55 -8.34 4.07 -21.32
C ALA D 55 -8.74 3.64 -19.88
N GLU D 56 -9.65 2.67 -19.80
CA GLU D 56 -10.18 2.22 -18.52
C GLU D 56 -9.08 1.58 -17.72
N GLN D 57 -8.25 0.82 -18.39
CA GLN D 57 -7.10 0.22 -17.75
C GLN D 57 -6.04 1.23 -17.31
N LEU D 58 -5.85 2.30 -18.07
CA LEU D 58 -4.95 3.35 -17.62
C LEU D 58 -5.49 3.99 -16.33
N ILE D 59 -6.79 4.23 -16.26
CA ILE D 59 -7.41 4.87 -15.12
C ILE D 59 -7.21 4.00 -13.87
N GLN D 60 -7.51 2.71 -14.01
CA GLN D 60 -7.39 1.79 -12.89
C GLN D 60 -5.99 1.65 -12.35
N GLU D 61 -5.02 1.52 -13.25
CA GLU D 61 -3.62 1.44 -12.87
C GLU D 61 -3.18 2.70 -12.13
N ALA D 62 -3.58 3.86 -12.60
CA ALA D 62 -3.17 5.09 -11.98
C ALA D 62 -3.80 5.18 -10.57
N CYS D 63 -5.08 4.78 -10.41
CA CYS D 63 -5.70 4.78 -9.11
C CYS D 63 -5.00 3.80 -8.12
N ARG D 64 -4.69 2.59 -8.57
CA ARG D 64 -3.94 1.68 -7.73
C ARG D 64 -2.57 2.21 -7.35
N SER D 65 -1.91 2.85 -8.30
CA SER D 65 -0.63 3.44 -8.01
C SER D 65 -0.74 4.60 -6.99
N CYS D 66 -1.83 5.36 -7.04
N CYS D 66 -1.82 5.34 -7.05
CA CYS D 66 -2.10 6.37 -5.99
CA CYS D 66 -2.10 6.35 -6.06
C CYS D 66 -2.22 5.77 -4.61
C CYS D 66 -2.23 5.77 -4.63
N LEU D 67 -2.92 4.65 -4.51
CA LEU D 67 -3.04 3.95 -3.22
C LEU D 67 -1.66 3.44 -2.73
N GLU D 68 -0.87 2.91 -3.66
CA GLU D 68 0.48 2.44 -3.32
C GLU D 68 1.29 3.61 -2.73
N GLN D 69 1.28 4.76 -3.39
CA GLN D 69 2.07 5.89 -2.92
C GLN D 69 1.53 6.45 -1.61
N ALA D 70 0.21 6.33 -1.40
CA ALA D 70 -0.37 6.78 -0.15
C ALA D 70 0.15 5.97 1.07
N LYS D 71 0.73 4.80 0.84
CA LYS D 71 1.33 4.04 1.96
C LYS D 71 2.44 4.81 2.65
N LEU D 72 2.98 5.84 1.99
CA LEU D 72 3.99 6.70 2.64
C LEU D 72 3.42 7.45 3.80
N LEU D 73 2.09 7.61 3.88
CA LEU D 73 1.52 8.23 5.03
C LEU D 73 1.79 7.40 6.28
N PHE D 74 2.06 6.12 6.12
CA PHE D 74 2.18 5.21 7.25
C PHE D 74 3.52 4.47 7.19
N SER D 75 4.60 5.22 6.96
CA SER D 75 5.94 4.66 6.66
C SER D 75 7.02 5.40 7.43
N ASP E 7 -22.20 -18.28 24.30
CA ASP E 7 -22.07 -19.62 23.66
C ASP E 7 -20.79 -19.60 22.81
N PRO E 8 -19.84 -20.51 23.11
CA PRO E 8 -18.57 -20.56 22.37
C PRO E 8 -18.72 -20.74 20.85
N ALA E 9 -19.74 -21.48 20.42
CA ALA E 9 -19.96 -21.71 18.99
C ALA E 9 -20.32 -20.42 18.19
N ILE E 10 -20.74 -19.36 18.90
CA ILE E 10 -21.29 -18.13 18.35
C ILE E 10 -20.12 -17.20 18.08
N SER E 11 -19.26 -17.05 19.06
CA SER E 11 -18.02 -16.35 18.85
C SER E 11 -17.12 -16.91 17.70
N MET E 12 -17.04 -18.23 17.62
CA MET E 12 -16.43 -18.87 16.50
C MET E 12 -17.21 -18.56 15.19
N ASP E 13 -18.53 -18.61 15.25
CA ASP E 13 -19.27 -18.37 14.04
C ASP E 13 -19.19 -16.91 13.54
N LEU E 14 -19.07 -15.94 14.44
CA LEU E 14 -18.87 -14.53 14.07
C LEU E 14 -17.56 -14.37 13.33
N LEU E 15 -16.52 -15.02 13.84
CA LEU E 15 -15.22 -14.95 13.14
C LEU E 15 -15.31 -15.58 11.78
N ARG E 16 -15.96 -16.75 11.75
CA ARG E 16 -16.12 -17.47 10.53
C ARG E 16 -16.75 -16.57 9.47
N ALA E 17 -17.83 -15.91 9.86
CA ALA E 17 -18.57 -15.00 8.93
C ALA E 17 -17.68 -13.87 8.42
N VAL E 18 -16.84 -13.36 9.31
CA VAL E 18 -15.90 -12.31 8.94
C VAL E 18 -14.91 -12.79 7.91
N LEU E 19 -14.41 -14.02 8.09
CA LEU E 19 -13.42 -14.55 7.15
C LEU E 19 -13.98 -15.13 5.84
N GLN E 20 -15.26 -15.51 5.86
CA GLN E 20 -15.88 -16.23 4.73
C GLN E 20 -15.65 -15.63 3.38
N PRO E 21 -15.83 -14.30 3.26
CA PRO E 21 -15.55 -13.72 1.93
C PRO E 21 -14.15 -13.99 1.41
N SER E 22 -13.15 -13.82 2.24
CA SER E 22 -11.77 -14.04 1.79
CA SER E 22 -11.76 -14.05 1.77
C SER E 22 -11.54 -15.54 1.47
N ILE E 23 -12.05 -16.40 2.35
CA ILE E 23 -11.89 -17.86 2.11
C ILE E 23 -12.64 -18.25 0.83
N ASN E 24 -13.87 -17.76 0.64
CA ASN E 24 -14.58 -18.02 -0.59
C ASN E 24 -13.79 -17.68 -1.84
N GLU E 25 -13.12 -16.54 -1.86
CA GLU E 25 -12.33 -16.14 -3.04
C GLU E 25 -11.23 -17.19 -3.31
N GLU E 26 -10.55 -17.65 -2.28
CA GLU E 26 -9.48 -18.65 -2.47
C GLU E 26 -10.04 -20.02 -2.88
N ILE E 27 -11.22 -20.38 -2.38
CA ILE E 27 -11.86 -21.59 -2.79
C ILE E 27 -12.32 -21.54 -4.24
N GLN E 28 -12.85 -20.39 -4.66
CA GLN E 28 -13.17 -20.18 -6.04
C GLN E 28 -11.94 -20.34 -6.94
N THR E 29 -10.84 -19.75 -6.55
CA THR E 29 -9.60 -19.88 -7.32
C THR E 29 -9.17 -21.35 -7.42
N VAL E 30 -9.30 -22.12 -6.33
CA VAL E 30 -9.01 -23.55 -6.42
C VAL E 30 -9.91 -24.25 -7.47
N PHE E 31 -11.22 -24.07 -7.35
CA PHE E 31 -12.15 -24.75 -8.23
C PHE E 31 -12.05 -24.31 -9.71
N ASN E 32 -11.67 -23.06 -9.96
CA ASN E 32 -11.44 -22.60 -11.34
C ASN E 32 -10.40 -23.47 -12.06
N LYS E 33 -9.39 -23.96 -11.37
CA LYS E 33 -8.43 -24.83 -12.00
C LYS E 33 -9.00 -26.16 -12.45
N TYR E 34 -10.11 -26.60 -11.85
CA TYR E 34 -10.70 -27.91 -12.19
C TYR E 34 -11.98 -27.83 -13.02
N MET E 35 -12.46 -26.62 -13.24
CA MET E 35 -13.77 -26.42 -13.79
C MET E 35 -13.90 -26.98 -15.22
N LYS E 36 -12.84 -26.87 -15.99
CA LYS E 36 -12.82 -27.42 -17.33
C LYS E 36 -13.06 -28.94 -17.35
N PHE E 37 -12.55 -29.67 -16.35
CA PHE E 37 -12.85 -31.11 -16.28
C PHE E 37 -14.32 -31.31 -16.04
N PHE E 38 -14.90 -30.57 -15.09
CA PHE E 38 -16.30 -30.80 -14.78
C PHE E 38 -17.17 -30.45 -16.00
N GLN E 39 -16.80 -29.37 -16.68
CA GLN E 39 -17.59 -28.87 -17.79
C GLN E 39 -17.61 -29.92 -18.89
N LYS E 40 -16.44 -30.42 -19.26
CA LYS E 40 -16.33 -31.46 -20.26
C LYS E 40 -17.12 -32.72 -19.94
N ALA E 41 -17.05 -33.17 -18.69
CA ALA E 41 -17.81 -34.32 -18.30
C ALA E 41 -19.30 -34.05 -18.39
N ALA E 42 -19.74 -32.87 -17.96
CA ALA E 42 -21.18 -32.58 -17.94
C ALA E 42 -21.73 -32.47 -19.38
N LEU E 43 -20.95 -31.87 -20.28
CA LEU E 43 -21.30 -31.78 -21.69
C LEU E 43 -21.36 -33.17 -22.34
N ASN E 44 -20.38 -34.02 -22.02
CA ASN E 44 -20.42 -35.42 -22.41
C ASN E 44 -21.69 -36.13 -21.97
N VAL E 45 -22.14 -35.90 -20.75
CA VAL E 45 -23.40 -36.48 -20.31
C VAL E 45 -24.57 -35.92 -21.14
N ARG E 46 -24.62 -34.61 -21.35
CA ARG E 46 -25.75 -34.01 -22.07
C ARG E 46 -25.80 -34.46 -23.53
N ASP E 47 -24.64 -34.54 -24.16
CA ASP E 47 -24.53 -35.07 -25.52
C ASP E 47 -25.01 -36.51 -25.66
N ASN E 48 -24.85 -37.33 -24.62
CA ASN E 48 -25.19 -38.75 -24.66
C ASN E 48 -26.55 -39.08 -24.06
N VAL E 49 -27.11 -38.17 -23.28
CA VAL E 49 -28.54 -38.22 -22.88
C VAL E 49 -29.26 -36.85 -22.90
N GLY E 50 -30.39 -36.72 -23.60
CA GLY E 50 -31.05 -35.43 -23.79
C GLY E 50 -31.82 -34.85 -22.60
N ASP E 54 -29.41 -30.80 -17.59
CA ASP E 54 -28.94 -29.44 -17.31
C ASP E 54 -27.46 -29.52 -16.89
N ALA E 55 -26.56 -29.23 -17.82
CA ALA E 55 -25.14 -29.38 -17.61
C ALA E 55 -24.61 -28.50 -16.46
N GLU E 56 -25.14 -27.29 -16.37
CA GLU E 56 -24.71 -26.33 -15.37
C GLU E 56 -25.04 -26.85 -13.99
N GLN E 57 -26.22 -27.39 -13.84
CA GLN E 57 -26.61 -27.99 -12.61
C GLN E 57 -25.73 -29.20 -12.22
N LEU E 58 -25.32 -30.00 -13.20
CA LEU E 58 -24.46 -31.15 -12.89
C LEU E 58 -23.15 -30.66 -12.33
N ILE E 59 -22.62 -29.61 -12.92
CA ILE E 59 -21.36 -29.04 -12.53
C ILE E 59 -21.46 -28.51 -11.09
N GLN E 60 -22.53 -27.78 -10.79
CA GLN E 60 -22.71 -27.20 -9.46
C GLN E 60 -22.87 -28.21 -8.36
N GLU E 61 -23.65 -29.23 -8.63
CA GLU E 61 -23.81 -30.30 -7.70
C GLU E 61 -22.49 -31.04 -7.43
N ALA E 62 -21.70 -31.27 -8.45
CA ALA E 62 -20.42 -31.98 -8.26
C ALA E 62 -19.48 -31.09 -7.40
N CYS E 63 -19.47 -29.78 -7.66
CA CYS E 63 -18.67 -28.85 -6.83
C CYS E 63 -19.11 -28.82 -5.36
N ARG E 64 -20.42 -28.78 -5.12
CA ARG E 64 -20.91 -28.84 -3.77
C ARG E 64 -20.52 -30.14 -3.08
N SER E 65 -20.62 -31.24 -3.80
CA SER E 65 -20.27 -32.50 -3.25
C SER E 65 -18.73 -32.58 -2.88
N CYS E 66 -17.90 -31.92 -3.67
CA CYS E 66 -16.48 -31.82 -3.35
C CYS E 66 -16.27 -31.10 -2.04
N LEU E 67 -17.02 -29.99 -1.83
CA LEU E 67 -16.94 -29.27 -0.55
C LEU E 67 -17.42 -30.10 0.62
N GLU E 68 -18.50 -30.86 0.42
CA GLU E 68 -19.02 -31.72 1.46
C GLU E 68 -17.96 -32.74 1.85
N GLN E 69 -17.35 -33.38 0.86
CA GLN E 69 -16.40 -34.43 1.16
C GLN E 69 -15.12 -33.88 1.76
N ALA E 70 -14.79 -32.65 1.37
CA ALA E 70 -13.64 -31.97 1.98
C ALA E 70 -13.80 -31.75 3.48
N LYS E 71 -15.00 -31.84 4.02
CA LYS E 71 -15.15 -31.72 5.49
C LYS E 71 -14.46 -32.84 6.25
N LEU E 72 -14.09 -33.94 5.55
CA LEU E 72 -13.34 -35.01 6.21
C LEU E 72 -11.94 -34.57 6.56
N LEU E 73 -11.43 -33.53 5.94
CA LEU E 73 -10.13 -32.95 6.37
C LEU E 73 -10.22 -32.38 7.75
N PHE E 74 -11.43 -32.08 8.23
CA PHE E 74 -11.58 -31.44 9.54
C PHE E 74 -12.56 -32.21 10.41
N SER E 75 -12.37 -33.53 10.49
CA SER E 75 -13.21 -34.40 11.31
C SER E 75 -12.31 -35.40 12.07
N ASP E 76 -11.73 -35.04 13.22
CA ASP E 76 -10.75 -35.92 13.96
C ASP E 76 -11.20 -37.35 14.17
N SER F 11 -19.16 -39.81 -16.64
CA SER F 11 -19.94 -39.71 -15.35
C SER F 11 -19.28 -38.62 -14.42
N MET F 12 -20.15 -37.71 -13.97
CA MET F 12 -19.79 -36.67 -13.03
C MET F 12 -19.27 -37.25 -11.70
N ASP F 13 -19.94 -38.26 -11.18
CA ASP F 13 -19.59 -38.81 -9.86
C ASP F 13 -18.21 -39.45 -9.82
N LEU F 14 -17.87 -40.12 -10.89
CA LEU F 14 -16.59 -40.69 -11.00
C LEU F 14 -15.58 -39.62 -11.10
N LEU F 15 -15.82 -38.60 -11.91
CA LEU F 15 -14.84 -37.54 -12.07
C LEU F 15 -14.60 -36.83 -10.70
N ARG F 16 -15.68 -36.64 -9.98
CA ARG F 16 -15.66 -36.02 -8.67
C ARG F 16 -14.72 -36.80 -7.72
N ALA F 17 -14.90 -38.12 -7.71
CA ALA F 17 -14.05 -39.00 -6.89
C ALA F 17 -12.58 -38.95 -7.32
N VAL F 18 -12.33 -38.87 -8.63
CA VAL F 18 -10.99 -38.83 -9.19
C VAL F 18 -10.27 -37.53 -8.80
N LEU F 19 -11.02 -36.43 -8.78
CA LEU F 19 -10.47 -35.14 -8.46
C LEU F 19 -10.38 -34.82 -7.00
N GLN F 20 -11.23 -35.45 -6.18
CA GLN F 20 -11.24 -35.14 -4.76
C GLN F 20 -9.86 -35.09 -4.03
N PRO F 21 -8.97 -36.06 -4.27
CA PRO F 21 -7.70 -36.01 -3.52
C PRO F 21 -6.89 -34.77 -3.85
N SER F 22 -6.86 -34.38 -5.11
CA SER F 22 -6.13 -33.17 -5.52
CA SER F 22 -6.15 -33.16 -5.53
C SER F 22 -6.81 -31.90 -4.97
N ILE F 23 -8.13 -31.84 -5.08
CA ILE F 23 -8.86 -30.72 -4.56
C ILE F 23 -8.69 -30.62 -3.04
N ASN F 24 -8.77 -31.75 -2.32
CA ASN F 24 -8.50 -31.75 -0.92
C ASN F 24 -7.14 -31.12 -0.54
N GLU F 25 -6.08 -31.45 -1.29
CA GLU F 25 -4.74 -30.90 -0.96
C GLU F 25 -4.81 -29.37 -1.10
N GLU F 26 -5.43 -28.87 -2.16
CA GLU F 26 -5.46 -27.41 -2.36
C GLU F 26 -6.39 -26.74 -1.32
N ILE F 27 -7.48 -27.41 -0.90
CA ILE F 27 -8.29 -26.88 0.18
C ILE F 27 -7.49 -26.77 1.48
N GLN F 28 -6.73 -27.83 1.80
CA GLN F 28 -5.91 -27.83 2.97
C GLN F 28 -4.93 -26.63 2.95
N THR F 29 -4.31 -26.37 1.81
CA THR F 29 -3.39 -25.25 1.66
C THR F 29 -4.13 -23.93 1.92
N VAL F 30 -5.36 -23.78 1.40
CA VAL F 30 -6.13 -22.57 1.64
C VAL F 30 -6.35 -22.42 3.15
N PHE F 31 -6.90 -23.45 3.79
CA PHE F 31 -7.25 -23.37 5.20
C PHE F 31 -6.04 -23.14 6.11
N ASN F 32 -4.89 -23.69 5.75
CA ASN F 32 -3.66 -23.47 6.57
C ASN F 32 -3.37 -22.00 6.75
N LYS F 33 -3.70 -21.17 5.76
CA LYS F 33 -3.49 -19.75 5.91
C LYS F 33 -4.40 -19.09 6.92
N TYR F 34 -5.58 -19.66 7.21
CA TYR F 34 -6.55 -19.04 8.10
C TYR F 34 -6.61 -19.69 9.47
N MET F 35 -5.91 -20.80 9.60
CA MET F 35 -6.07 -21.64 10.78
C MET F 35 -5.69 -20.89 12.03
N LYS F 36 -4.67 -20.07 11.94
CA LYS F 36 -4.23 -19.28 13.12
C LYS F 36 -5.35 -18.40 13.69
N PHE F 37 -6.24 -17.87 12.84
CA PHE F 37 -7.40 -17.09 13.35
C PHE F 37 -8.35 -17.95 14.14
N PHE F 38 -8.67 -19.12 13.59
CA PHE F 38 -9.56 -20.01 14.31
C PHE F 38 -8.95 -20.53 15.61
N GLN F 39 -7.67 -20.85 15.56
CA GLN F 39 -6.98 -21.35 16.77
C GLN F 39 -7.02 -20.31 17.87
N LYS F 40 -6.63 -19.09 17.56
CA LYS F 40 -6.62 -18.05 18.56
C LYS F 40 -7.97 -17.80 19.16
N ALA F 41 -9.00 -17.76 18.33
CA ALA F 41 -10.33 -17.57 18.85
C ALA F 41 -10.78 -18.72 19.75
N ALA F 42 -10.50 -19.94 19.35
CA ALA F 42 -10.87 -21.08 20.17
C ALA F 42 -10.14 -21.13 21.54
N LEU F 43 -8.85 -20.85 21.53
CA LEU F 43 -8.05 -20.76 22.76
C LEU F 43 -8.58 -19.66 23.67
N ASN F 44 -8.88 -18.50 23.08
CA ASN F 44 -9.53 -17.41 23.84
C ASN F 44 -10.80 -17.86 24.50
N VAL F 45 -11.63 -18.62 23.81
CA VAL F 45 -12.83 -19.13 24.43
C VAL F 45 -12.45 -20.05 25.62
N ARG F 46 -11.54 -20.98 25.40
CA ARG F 46 -11.21 -21.94 26.46
C ARG F 46 -10.52 -21.31 27.68
N ASP F 47 -9.57 -20.43 27.44
CA ASP F 47 -8.63 -19.85 28.44
C ASP F 47 -8.75 -18.42 29.01
N ASN F 48 -9.10 -17.41 28.21
CA ASN F 48 -9.23 -16.03 28.68
C ASN F 48 -10.62 -15.86 29.25
N VAL F 49 -11.57 -16.32 28.47
CA VAL F 49 -12.93 -16.46 28.92
C VAL F 49 -12.93 -17.81 29.61
N GLY F 50 -13.86 -17.99 30.52
CA GLY F 50 -13.77 -19.09 31.45
C GLY F 50 -13.99 -20.52 30.93
N GLU F 51 -14.40 -20.65 29.67
CA GLU F 51 -15.15 -21.85 29.20
C GLU F 51 -14.46 -23.23 29.26
N GLU F 52 -15.11 -24.15 29.99
CA GLU F 52 -14.94 -25.61 29.80
C GLU F 52 -15.23 -26.18 28.36
N VAL F 53 -14.23 -26.12 27.48
CA VAL F 53 -14.38 -26.51 26.06
C VAL F 53 -13.22 -27.27 25.46
N ASP F 54 -13.54 -27.98 24.40
CA ASP F 54 -12.54 -28.62 23.57
C ASP F 54 -12.19 -27.68 22.38
N ALA F 55 -11.03 -27.03 22.45
CA ALA F 55 -10.62 -26.05 21.45
C ALA F 55 -10.48 -26.64 20.05
N GLU F 56 -9.96 -27.85 19.97
CA GLU F 56 -9.72 -28.50 18.69
C GLU F 56 -11.03 -28.75 18.00
N GLN F 57 -12.01 -29.17 18.76
CA GLN F 57 -13.34 -29.37 18.23
C GLN F 57 -14.00 -28.07 17.77
N LEU F 58 -13.79 -26.97 18.49
CA LEU F 58 -14.34 -25.66 18.05
C LEU F 58 -13.74 -25.27 16.72
N ILE F 59 -12.46 -25.53 16.54
CA ILE F 59 -11.76 -25.19 15.31
C ILE F 59 -12.26 -26.01 14.10
N GLN F 60 -12.39 -27.30 14.31
CA GLN F 60 -12.89 -28.19 13.28
C GLN F 60 -14.30 -27.87 12.84
N GLU F 61 -15.17 -27.60 13.81
CA GLU F 61 -16.56 -27.27 13.51
C GLU F 61 -16.62 -26.00 12.68
N ALA F 62 -15.80 -25.03 13.03
CA ALA F 62 -15.83 -23.74 12.29
C ALA F 62 -15.30 -23.96 10.87
N CYS F 63 -14.30 -24.79 10.70
CA CYS F 63 -13.81 -25.12 9.34
C CYS F 63 -14.84 -25.89 8.47
N ARG F 64 -15.52 -26.87 9.06
CA ARG F 64 -16.60 -27.56 8.35
C ARG F 64 -17.75 -26.57 8.00
N SER F 65 -18.08 -25.65 8.93
CA SER F 65 -19.08 -24.59 8.60
C SER F 65 -18.63 -23.74 7.49
N CYS F 66 -17.34 -23.43 7.42
N CYS F 66 -17.31 -23.41 7.40
CA CYS F 66 -16.82 -22.66 6.36
CA CYS F 66 -16.78 -22.66 6.25
C CYS F 66 -17.02 -23.35 4.99
C CYS F 66 -17.02 -23.35 4.94
N LEU F 67 -16.76 -24.66 4.92
CA LEU F 67 -16.96 -25.41 3.68
C LEU F 67 -18.47 -25.44 3.34
N GLU F 68 -19.32 -25.58 4.34
CA GLU F 68 -20.78 -25.61 4.11
C GLU F 68 -21.22 -24.29 3.48
N GLN F 69 -20.73 -23.17 4.03
CA GLN F 69 -21.13 -21.88 3.53
C GLN F 69 -20.55 -21.61 2.16
N ALA F 70 -19.38 -22.16 1.90
CA ALA F 70 -18.80 -22.04 0.55
C ALA F 70 -19.62 -22.69 -0.55
N LYS F 71 -20.51 -23.60 -0.19
CA LYS F 71 -21.38 -24.18 -1.23
C LYS F 71 -22.27 -23.14 -1.93
N LEU F 72 -22.49 -21.98 -1.27
CA LEU F 72 -23.21 -20.87 -1.89
C LEU F 72 -22.51 -20.32 -3.11
N LEU F 73 -21.23 -20.58 -3.27
CA LEU F 73 -20.59 -20.27 -4.53
C LEU F 73 -21.15 -21.06 -5.72
N PHE F 74 -21.76 -22.21 -5.47
CA PHE F 74 -22.18 -23.13 -6.52
C PHE F 74 -23.65 -23.46 -6.34
N SER F 75 -24.45 -22.48 -5.97
CA SER F 75 -25.85 -22.68 -5.54
C SER F 75 -26.69 -21.62 -6.22
#